data_6EF6
#
_entry.id   6EF6
#
_cell.length_a   72.010
_cell.length_b   70.050
_cell.length_c   60.720
_cell.angle_alpha   90.00
_cell.angle_beta   95.12
_cell.angle_gamma   90.00
#
_symmetry.space_group_name_H-M   'C 1 2 1'
#
loop_
_entity.id
_entity.type
_entity.pdbx_description
1 polymer 'Aminoglycoside phosphotransferase'
2 non-polymer 'BENZOIC ACID'
3 non-polymer (2R)-1-methoxypropan-2-amine
4 non-polymer 'SODIUM ION'
5 non-polymer 'ACETATE ION'
6 water water
#
_entity_poly.entity_id   1
_entity_poly.type   'polypeptide(L)'
_entity_poly.pdbx_seq_one_letter_code
;MGSSHHHHHHSSGLVPRGSHMGVITDDVTIAQQALTHYDVSDNASLRLLNLSENATYLVEDGEHQSILRVHRQDYHQPHE
IESELDWLAALRTDSDVTVPTVVPARDGRRVVTVDPADSDAVPRHVVHFEMVGGAEPDEESLTLDDFQTLGRITASLHEH
SQRWTRPAGFGRFSWDWEHCLGDTPRWGRWQDAEGVGASETALLTRAQDLLHRKLEEYGSGPDRYGLIHADLRLANLLVD
SSTPQRTITVIDFDDCGFGWYFYDFGTAVSFIEHDPRLGEWQESWVAGYRSRRELPAADEAMLPSFVFLRRLLLLAWMGS
HTHSRESATKAISYAAGSCALAERYLSSDGLRLT
;
_entity_poly.pdbx_strand_id   A
#
# COMPACT_ATOMS: atom_id res chain seq x y z
N ASP A 27 -0.67 -21.89 -3.69
CA ASP A 27 0.61 -21.22 -3.90
C ASP A 27 1.72 -21.77 -3.02
N VAL A 28 1.37 -22.73 -2.16
CA VAL A 28 2.37 -23.35 -1.30
C VAL A 28 3.31 -24.21 -2.13
N THR A 29 2.76 -24.91 -3.13
CA THR A 29 3.60 -25.71 -4.02
C THR A 29 4.53 -24.82 -4.83
N ILE A 30 4.08 -23.62 -5.22
CA ILE A 30 4.98 -22.70 -5.90
C ILE A 30 6.12 -22.29 -4.97
N ALA A 31 5.78 -22.00 -3.71
CA ALA A 31 6.82 -21.66 -2.74
C ALA A 31 7.83 -22.79 -2.59
N GLN A 32 7.35 -24.03 -2.56
CA GLN A 32 8.26 -25.17 -2.45
C GLN A 32 9.12 -25.30 -3.69
N GLN A 33 8.52 -25.19 -4.88
CA GLN A 33 9.33 -25.21 -6.10
C GLN A 33 10.42 -24.16 -6.02
N ALA A 34 10.08 -22.98 -5.54
CA ALA A 34 11.04 -21.88 -5.52
C ALA A 34 12.22 -22.16 -4.62
N LEU A 35 12.00 -22.92 -3.54
CA LEU A 35 13.08 -23.20 -2.60
C LEU A 35 14.28 -23.84 -3.29
N THR A 36 14.05 -24.62 -4.34
CA THR A 36 15.21 -25.28 -4.94
C THR A 36 16.17 -24.27 -5.56
N HIS A 37 15.74 -23.03 -5.78
CA HIS A 37 16.59 -22.02 -6.39
C HIS A 37 17.40 -21.22 -5.38
N TYR A 38 17.30 -21.53 -4.11
CA TYR A 38 17.97 -20.82 -3.04
C TYR A 38 18.76 -21.81 -2.21
N ASP A 39 19.73 -21.27 -1.46
CA ASP A 39 20.60 -22.10 -0.65
C ASP A 39 19.91 -22.68 0.56
N VAL A 40 18.79 -22.10 0.98
CA VAL A 40 18.03 -22.68 2.06
C VAL A 40 17.51 -24.06 1.64
N SER A 41 17.50 -25.00 2.59
CA SER A 41 17.11 -26.37 2.29
C SER A 41 15.77 -26.43 1.56
N ASP A 42 15.68 -27.34 0.60
CA ASP A 42 14.44 -27.55 -0.14
C ASP A 42 13.33 -28.10 0.75
N ASN A 43 13.68 -28.70 1.88
CA ASN A 43 12.70 -29.18 2.85
C ASN A 43 12.49 -28.22 4.01
N ALA A 44 12.86 -26.96 3.86
CA ALA A 44 12.63 -25.95 4.88
C ALA A 44 11.15 -25.86 5.18
N SER A 45 10.82 -25.49 6.41
CA SER A 45 9.42 -25.30 6.74
C SER A 45 8.95 -23.96 6.19
N LEU A 46 7.67 -23.92 5.83
CA LEU A 46 7.01 -22.73 5.33
C LEU A 46 5.79 -22.42 6.19
N ARG A 47 5.64 -21.17 6.59
CA ARG A 47 4.52 -20.71 7.40
C ARG A 47 3.92 -19.53 6.66
N LEU A 48 2.65 -19.62 6.29
CA LEU A 48 1.99 -18.50 5.61
C LEU A 48 1.80 -17.33 6.57
N LEU A 49 2.28 -16.15 6.18
CA LEU A 49 2.18 -14.94 6.99
C LEU A 49 0.96 -14.11 6.58
N ASN A 50 0.45 -13.31 7.52
CA ASN A 50 -0.75 -12.50 7.27
C ASN A 50 -0.36 -11.10 6.79
N LEU A 51 0.40 -11.10 5.72
CA LEU A 51 0.95 -9.88 5.15
C LEU A 51 0.75 -9.96 3.65
N SER A 52 0.43 -8.82 3.03
CA SER A 52 0.42 -8.66 1.58
C SER A 52 -0.78 -9.33 0.91
N GLU A 53 -1.18 -8.83 -0.26
CA GLU A 53 -2.12 -9.57 -1.12
C GLU A 53 -1.45 -10.76 -1.81
N ASN A 54 -0.13 -10.77 -1.89
CA ASN A 54 0.61 -11.92 -2.38
C ASN A 54 0.77 -12.90 -1.22
N ALA A 55 1.03 -14.16 -1.57
CA ALA A 55 1.30 -15.17 -0.56
C ALA A 55 2.74 -14.99 -0.09
N THR A 56 2.93 -14.71 1.20
CA THR A 56 4.25 -14.48 1.78
C THR A 56 4.47 -15.47 2.92
N TYR A 57 5.64 -16.12 2.91
CA TYR A 57 5.91 -17.23 3.81
C TYR A 57 7.16 -16.97 4.64
N LEU A 58 7.09 -17.33 5.91
CA LEU A 58 8.28 -17.42 6.75
C LEU A 58 8.96 -18.74 6.46
N VAL A 59 10.22 -18.68 6.04
CA VAL A 59 11.01 -19.87 5.72
C VAL A 59 11.92 -20.16 6.91
N GLU A 60 11.87 -21.38 7.44
CA GLU A 60 12.67 -21.74 8.61
C GLU A 60 13.45 -23.01 8.31
N ASP A 61 14.78 -22.92 8.44
CA ASP A 61 15.70 -24.01 8.13
C ASP A 61 16.66 -24.07 9.30
N GLY A 62 16.33 -24.88 10.30
CA GLY A 62 17.07 -24.86 11.55
C GLY A 62 17.05 -23.48 12.15
N GLU A 63 18.22 -22.83 12.25
CA GLU A 63 18.31 -21.49 12.79
C GLU A 63 17.92 -20.43 11.78
N HIS A 64 18.10 -20.70 10.49
CA HIS A 64 17.91 -19.68 9.47
C HIS A 64 16.43 -19.33 9.32
N GLN A 65 16.14 -18.03 9.28
CA GLN A 65 14.82 -17.52 8.93
C GLN A 65 14.95 -16.58 7.74
N SER A 66 13.96 -16.63 6.85
CA SER A 66 13.86 -15.69 5.74
C SER A 66 12.41 -15.64 5.26
N ILE A 67 12.15 -14.78 4.28
CA ILE A 67 10.80 -14.52 3.82
C ILE A 67 10.69 -14.73 2.32
N LEU A 68 9.71 -15.53 1.90
CA LEU A 68 9.51 -15.78 0.48
C LEU A 68 8.17 -15.18 0.03
N ARG A 69 8.21 -14.30 -0.96
CA ARG A 69 7.01 -13.67 -1.51
C ARG A 69 6.65 -14.27 -2.86
N VAL A 70 5.47 -14.90 -2.96
CA VAL A 70 4.99 -15.47 -4.21
C VAL A 70 3.98 -14.50 -4.83
N HIS A 71 4.32 -13.91 -5.98
CA HIS A 71 3.47 -12.88 -6.56
C HIS A 71 2.20 -13.48 -7.14
N ARG A 72 1.08 -12.81 -6.88
CA ARG A 72 -0.13 -13.29 -7.48
C ARG A 72 -0.08 -13.18 -9.00
N GLN A 73 -0.94 -13.95 -9.65
CA GLN A 73 -0.91 -14.07 -11.09
C GLN A 73 -1.33 -12.75 -11.74
N ASP A 74 -0.63 -12.38 -12.81
CA ASP A 74 -1.03 -11.37 -13.78
C ASP A 74 -0.87 -9.93 -13.30
N TYR A 75 -0.50 -9.69 -12.05
CA TYR A 75 -0.47 -8.30 -11.58
C TYR A 75 0.74 -7.54 -12.11
N HIS A 76 1.93 -8.16 -12.11
CA HIS A 76 3.13 -7.50 -12.64
C HIS A 76 3.84 -8.40 -13.62
N GLN A 77 4.57 -7.76 -14.52
CA GLN A 77 5.61 -8.39 -15.31
C GLN A 77 6.92 -8.38 -14.55
N PRO A 78 7.88 -9.23 -14.90
CA PRO A 78 9.12 -9.28 -14.10
C PRO A 78 9.91 -7.98 -14.09
N HIS A 79 9.98 -7.25 -15.19
CA HIS A 79 10.73 -6.01 -15.19
C HIS A 79 10.16 -4.99 -14.22
N GLU A 80 8.84 -5.01 -14.02
CA GLU A 80 8.20 -4.13 -13.04
C GLU A 80 8.64 -4.50 -11.63
N ILE A 81 8.69 -5.79 -11.32
CA ILE A 81 9.17 -6.22 -10.02
C ILE A 81 10.62 -5.82 -9.83
N GLU A 82 11.44 -6.01 -10.87
CA GLU A 82 12.83 -5.57 -10.81
C GLU A 82 12.94 -4.08 -10.49
N SER A 83 12.05 -3.24 -11.03
CA SER A 83 12.04 -1.82 -10.71
C SER A 83 11.74 -1.56 -9.24
N GLU A 84 10.78 -2.29 -8.64
CA GLU A 84 10.54 -2.18 -7.21
C GLU A 84 11.83 -2.47 -6.47
N LEU A 85 12.49 -3.57 -6.83
CA LEU A 85 13.71 -3.99 -6.14
C LEU A 85 14.83 -2.97 -6.33
N ASP A 86 14.89 -2.28 -7.47
CA ASP A 86 15.87 -1.19 -7.63
C ASP A 86 15.60 -0.05 -6.67
N TRP A 87 14.31 0.29 -6.41
CA TRP A 87 14.05 1.30 -5.39
C TRP A 87 14.48 0.82 -4.02
N LEU A 88 14.17 -0.44 -3.68
CA LEU A 88 14.58 -0.95 -2.38
C LEU A 88 16.08 -0.86 -2.22
N ALA A 89 16.83 -1.18 -3.27
CA ALA A 89 18.28 -1.13 -3.17
C ALA A 89 18.78 0.29 -2.92
N ALA A 90 18.16 1.27 -3.56
CA ALA A 90 18.54 2.67 -3.34
C ALA A 90 18.14 3.14 -1.95
N LEU A 91 16.96 2.74 -1.48
CA LEU A 91 16.54 3.10 -0.12
C LEU A 91 17.48 2.49 0.91
N ARG A 92 17.96 1.27 0.68
CA ARG A 92 18.85 0.63 1.65
C ARG A 92 20.13 1.44 1.85
N THR A 93 20.72 1.90 0.77
CA THR A 93 22.02 2.54 0.85
C THR A 93 21.95 4.05 1.05
N ASP A 94 20.85 4.69 0.66
CA ASP A 94 20.81 6.15 0.56
C ASP A 94 19.68 6.79 1.36
N SER A 95 18.95 6.05 2.18
CA SER A 95 17.93 6.69 2.99
C SER A 95 17.95 6.11 4.40
N ASP A 96 17.32 6.82 5.34
CA ASP A 96 17.27 6.32 6.70
C ASP A 96 16.07 5.42 6.93
N VAL A 97 15.32 5.11 5.89
CA VAL A 97 14.22 4.15 6.00
C VAL A 97 14.80 2.74 5.92
N THR A 98 14.37 1.89 6.84
CA THR A 98 14.73 0.47 6.80
C THR A 98 13.74 -0.26 5.90
N VAL A 99 14.27 -1.03 4.94
CA VAL A 99 13.45 -1.76 3.96
C VAL A 99 13.95 -3.21 3.84
N PRO A 100 13.24 -4.07 3.14
CA PRO A 100 13.72 -5.46 3.00
C PRO A 100 14.97 -5.55 2.15
N THR A 101 15.77 -6.59 2.43
CA THR A 101 16.96 -6.93 1.66
C THR A 101 16.68 -8.18 0.84
N VAL A 102 16.91 -8.08 -0.48
CA VAL A 102 16.65 -9.22 -1.34
C VAL A 102 17.73 -10.28 -1.14
N VAL A 103 17.31 -11.54 -1.13
CA VAL A 103 18.23 -12.69 -1.13
C VAL A 103 18.31 -13.19 -2.57
N PRO A 104 19.44 -13.05 -3.25
CA PRO A 104 19.51 -13.58 -4.62
C PRO A 104 19.46 -15.09 -4.66
N ALA A 105 18.93 -15.59 -5.77
CA ALA A 105 18.87 -17.03 -6.02
C ALA A 105 20.28 -17.55 -6.28
N ARG A 106 20.37 -18.88 -6.52
CA ARG A 106 21.67 -19.51 -6.62
C ARG A 106 22.42 -19.10 -7.88
N ASP A 107 21.74 -18.50 -8.86
CA ASP A 107 22.35 -18.00 -10.07
C ASP A 107 22.47 -16.48 -10.04
N GLY A 108 22.18 -15.87 -8.91
CA GLY A 108 22.39 -14.45 -8.72
C GLY A 108 21.21 -13.58 -9.06
N ARG A 109 20.13 -14.15 -9.55
CA ARG A 109 19.02 -13.29 -9.97
C ARG A 109 18.12 -12.97 -8.78
N ARG A 110 17.44 -11.85 -8.88
CA ARG A 110 16.61 -11.37 -7.79
C ARG A 110 15.18 -11.88 -7.87
N VAL A 111 14.65 -12.07 -9.08
CA VAL A 111 13.29 -12.55 -9.28
C VAL A 111 13.36 -13.94 -9.87
N VAL A 112 12.83 -14.93 -9.15
CA VAL A 112 12.75 -16.31 -9.63
C VAL A 112 11.36 -16.53 -10.21
N THR A 113 11.30 -17.00 -11.45
CA THR A 113 10.03 -17.33 -12.09
C THR A 113 9.91 -18.84 -12.15
N VAL A 114 8.80 -19.38 -11.63
CA VAL A 114 8.63 -20.82 -11.71
C VAL A 114 7.35 -21.15 -12.45
N ASP A 115 7.41 -22.24 -13.19
CA ASP A 115 6.37 -22.65 -14.11
C ASP A 115 5.81 -23.99 -13.64
N PRO A 116 4.59 -24.06 -13.17
CA PRO A 116 3.89 -25.36 -13.16
C PRO A 116 3.19 -25.62 -14.49
N ALA A 117 2.38 -26.69 -14.57
CA ALA A 117 1.61 -26.91 -15.79
C ALA A 117 0.56 -25.82 -15.97
N ASP A 118 -0.72 -26.18 -15.82
CA ASP A 118 -1.86 -25.32 -16.19
C ASP A 118 -1.57 -23.82 -16.22
N VAL A 122 -0.07 -19.67 -16.07
CA VAL A 122 1.10 -18.90 -16.47
C VAL A 122 2.19 -18.89 -15.39
N PRO A 123 3.43 -18.69 -15.80
CA PRO A 123 4.53 -18.61 -14.83
C PRO A 123 4.27 -17.62 -13.69
N ARG A 124 4.83 -17.93 -12.51
CA ARG A 124 4.69 -17.15 -11.29
C ARG A 124 6.04 -16.63 -10.83
N HIS A 125 6.07 -15.39 -10.41
CA HIS A 125 7.30 -14.73 -9.97
C HIS A 125 7.40 -14.78 -8.45
N VAL A 126 8.64 -14.94 -7.97
CA VAL A 126 8.93 -15.09 -6.56
C VAL A 126 10.12 -14.19 -6.22
N VAL A 127 10.08 -13.55 -5.06
CA VAL A 127 11.23 -12.82 -4.52
C VAL A 127 11.47 -13.29 -3.09
N HIS A 128 12.74 -13.51 -2.75
CA HIS A 128 13.18 -13.97 -1.43
C HIS A 128 13.82 -12.80 -0.69
N PHE A 129 13.44 -12.57 0.55
CA PHE A 129 13.97 -11.49 1.36
C PHE A 129 14.58 -12.02 2.65
N GLU A 130 15.52 -11.25 3.23
CA GLU A 130 16.05 -11.58 4.53
C GLU A 130 14.95 -11.42 5.58
N MET A 131 15.14 -12.09 6.72
CA MET A 131 14.20 -11.98 7.81
C MET A 131 14.05 -10.51 8.24
N VAL A 132 12.84 -10.16 8.64
CA VAL A 132 12.48 -8.81 9.09
C VAL A 132 11.95 -8.91 10.52
N GLY A 133 12.50 -8.09 11.42
CA GLY A 133 11.98 -8.07 12.77
C GLY A 133 10.52 -7.68 12.80
N GLY A 134 9.70 -8.52 13.44
CA GLY A 134 8.28 -8.31 13.52
C GLY A 134 7.48 -9.23 12.63
N ALA A 135 8.14 -9.99 11.75
CA ALA A 135 7.42 -10.85 10.81
C ALA A 135 7.08 -12.22 11.38
N GLU A 136 7.76 -12.68 12.42
CA GLU A 136 7.44 -13.98 12.96
C GLU A 136 6.07 -13.92 13.63
N PRO A 137 5.19 -14.90 13.40
CA PRO A 137 3.87 -14.84 14.02
C PRO A 137 3.98 -14.82 15.55
N ASP A 138 3.12 -14.02 16.19
CA ASP A 138 2.13 -13.15 15.54
C ASP A 138 2.85 -11.91 15.04
N GLU A 139 2.58 -11.52 13.79
CA GLU A 139 3.27 -10.40 13.18
C GLU A 139 3.02 -9.12 13.95
N GLU A 140 4.05 -8.31 14.12
CA GLU A 140 3.95 -7.11 14.92
C GLU A 140 4.27 -5.89 14.06
N SER A 141 3.35 -4.95 14.06
CA SER A 141 3.46 -3.75 13.24
C SER A 141 3.14 -2.52 14.09
N LEU A 142 3.31 -1.34 13.50
CA LEU A 142 2.78 -0.13 14.11
C LEU A 142 1.28 -0.27 14.38
N THR A 143 0.78 0.48 15.36
CA THR A 143 -0.61 0.43 15.82
C THR A 143 -1.24 1.80 15.65
N LEU A 144 -2.48 1.91 16.09
CA LEU A 144 -3.17 3.18 16.04
C LEU A 144 -2.53 4.26 16.91
N ASP A 145 -1.63 3.88 17.82
CA ASP A 145 -0.85 4.82 18.61
C ASP A 145 0.34 5.40 17.87
N ASP A 146 0.55 5.00 16.62
CA ASP A 146 1.81 5.25 15.90
C ASP A 146 1.65 5.97 14.58
N PHE A 147 0.56 6.69 14.39
CA PHE A 147 0.40 7.47 13.17
C PHE A 147 1.57 8.45 12.96
N GLN A 148 2.07 9.07 14.01
CA GLN A 148 3.17 10.02 13.84
C GLN A 148 4.39 9.37 13.25
N THR A 149 4.78 8.19 13.75
CA THR A 149 5.92 7.47 13.22
C THR A 149 5.69 7.11 11.76
N LEU A 150 4.47 6.71 11.41
CA LEU A 150 4.16 6.41 10.02
C LEU A 150 4.32 7.65 9.15
N GLY A 151 3.84 8.80 9.61
CA GLY A 151 4.02 10.03 8.87
C GLY A 151 5.48 10.38 8.65
N ARG A 152 6.30 10.25 9.69
CA ARG A 152 7.71 10.58 9.57
CA ARG A 152 7.71 10.58 9.57
C ARG A 152 8.40 9.69 8.54
N ILE A 153 8.11 8.39 8.58
CA ILE A 153 8.73 7.45 7.63
C ILE A 153 8.24 7.72 6.20
N THR A 154 6.97 8.08 6.06
CA THR A 154 6.45 8.44 4.73
C THR A 154 7.20 9.65 4.18
N ALA A 155 7.43 10.70 4.98
CA ALA A 155 8.20 11.85 4.54
C ALA A 155 9.58 11.43 4.06
N SER A 156 10.22 10.52 4.76
CA SER A 156 11.54 10.07 4.32
C SER A 156 11.47 9.35 2.98
N LEU A 157 10.41 8.56 2.74
CA LEU A 157 10.24 7.93 1.43
C LEU A 157 10.00 8.96 0.35
N HIS A 158 9.24 10.00 0.64
CA HIS A 158 9.02 11.04 -0.33
C HIS A 158 10.32 11.79 -0.63
N GLU A 159 11.10 12.11 0.40
CA GLU A 159 12.35 12.82 0.19
C GLU A 159 13.27 11.99 -0.70
N HIS A 160 13.40 10.69 -0.45
CA HIS A 160 14.23 9.86 -1.31
C HIS A 160 13.72 9.85 -2.74
N SER A 161 12.42 9.63 -2.90
CA SER A 161 11.84 9.57 -4.24
C SER A 161 12.10 10.87 -5.02
N GLN A 162 11.97 12.02 -4.36
CA GLN A 162 12.18 13.31 -5.01
C GLN A 162 13.60 13.52 -5.47
N ARG A 163 14.59 12.90 -4.82
CA ARG A 163 15.96 13.16 -5.24
C ARG A 163 16.58 12.03 -6.03
N TRP A 164 15.92 10.88 -6.10
CA TRP A 164 16.53 9.69 -6.68
C TRP A 164 16.45 9.79 -8.18
N THR A 165 17.61 9.67 -8.82
CA THR A 165 17.64 9.54 -10.26
C THR A 165 17.42 8.06 -10.61
N ARG A 166 16.30 7.79 -11.26
CA ARG A 166 15.88 6.41 -11.49
C ARG A 166 16.69 5.74 -12.60
N PRO A 167 16.84 4.41 -12.54
CA PRO A 167 17.60 3.71 -13.58
C PRO A 167 16.98 3.88 -14.94
N ALA A 168 17.85 3.84 -15.96
CA ALA A 168 17.36 3.64 -17.29
C ALA A 168 16.51 2.38 -17.29
N GLY A 169 15.41 2.47 -17.98
CA GLY A 169 14.48 1.37 -18.09
C GLY A 169 13.56 1.15 -16.91
N PHE A 170 13.62 2.00 -15.88
CA PHE A 170 12.68 1.89 -14.77
C PHE A 170 11.25 1.92 -15.29
N GLY A 171 10.41 1.05 -14.75
CA GLY A 171 9.03 0.97 -15.16
C GLY A 171 8.13 0.55 -14.03
N ARG A 172 7.19 1.42 -13.66
CA ARG A 172 6.15 1.04 -12.72
C ARG A 172 4.84 1.66 -13.17
N PHE A 173 3.73 1.05 -12.79
CA PHE A 173 2.41 1.57 -13.13
C PHE A 173 2.07 2.82 -12.34
N SER A 174 0.91 3.41 -12.66
CA SER A 174 0.49 4.70 -12.12
C SER A 174 -0.82 4.59 -11.35
N TRP A 175 -0.93 5.39 -10.30
CA TRP A 175 -2.15 5.57 -9.53
C TRP A 175 -2.65 6.96 -9.87
N ASP A 176 -2.87 7.20 -11.16
CA ASP A 176 -3.46 8.44 -11.64
C ASP A 176 -4.96 8.32 -11.73
N TRP A 177 -5.66 9.37 -12.20
CA TRP A 177 -7.12 9.28 -12.24
C TRP A 177 -7.56 8.09 -13.09
N GLU A 178 -7.02 7.99 -14.29
CA GLU A 178 -7.37 6.93 -15.23
C GLU A 178 -7.33 5.55 -14.58
N HIS A 179 -6.30 5.26 -13.80
CA HIS A 179 -6.09 3.90 -13.30
C HIS A 179 -6.68 3.69 -11.93
N CYS A 180 -7.24 4.73 -11.31
CA CYS A 180 -7.96 4.59 -10.06
C CYS A 180 -9.47 4.54 -10.27
N LEU A 181 -10.02 5.60 -10.85
CA LEU A 181 -11.46 5.84 -10.97
C LEU A 181 -11.90 6.10 -12.39
N GLY A 182 -11.01 6.27 -13.34
CA GLY A 182 -11.37 6.61 -14.70
C GLY A 182 -11.58 5.42 -15.62
N ASP A 183 -11.00 5.49 -16.79
CA ASP A 183 -11.30 4.54 -17.85
C ASP A 183 -10.60 3.20 -17.73
N THR A 184 -9.58 3.07 -16.90
CA THR A 184 -8.81 1.83 -16.77
C THR A 184 -8.58 1.51 -15.29
N PRO A 185 -9.65 1.30 -14.52
CA PRO A 185 -9.53 1.18 -13.04
C PRO A 185 -8.88 -0.14 -12.65
N ARG A 186 -7.76 -0.07 -11.92
CA ARG A 186 -6.97 -1.27 -11.70
C ARG A 186 -7.68 -2.26 -10.79
N TRP A 187 -8.49 -1.78 -9.85
CA TRP A 187 -9.21 -2.65 -8.92
C TRP A 187 -10.70 -2.69 -9.25
N GLY A 188 -11.05 -2.33 -10.47
CA GLY A 188 -12.44 -2.36 -10.90
C GLY A 188 -13.19 -1.10 -10.48
N ARG A 189 -14.50 -1.14 -10.70
CA ARG A 189 -15.37 0.01 -10.45
C ARG A 189 -15.99 -0.08 -9.06
N TRP A 190 -15.86 0.99 -8.27
CA TRP A 190 -16.56 1.01 -6.98
C TRP A 190 -18.06 0.96 -7.18
N GLN A 191 -18.54 1.40 -8.34
CA GLN A 191 -19.95 1.39 -8.65
C GLN A 191 -20.53 -0.01 -8.69
N ASP A 192 -19.68 -1.02 -8.90
CA ASP A 192 -20.13 -2.41 -9.03
C ASP A 192 -20.06 -3.18 -7.71
N ALA A 193 -19.70 -2.55 -6.61
CA ALA A 193 -19.62 -3.26 -5.35
C ALA A 193 -21.02 -3.52 -4.81
N GLU A 194 -21.15 -4.63 -4.09
CA GLU A 194 -22.38 -4.89 -3.34
C GLU A 194 -22.63 -3.79 -2.34
N GLY A 195 -23.88 -3.37 -2.23
CA GLY A 195 -24.22 -2.25 -1.37
C GLY A 195 -24.18 -0.91 -2.02
N VAL A 196 -23.77 -0.84 -3.30
CA VAL A 196 -23.68 0.43 -3.99
C VAL A 196 -24.83 0.59 -4.96
N GLY A 197 -25.97 0.97 -4.44
CA GLY A 197 -27.19 1.09 -5.21
C GLY A 197 -27.46 2.51 -5.62
N ALA A 198 -28.72 2.84 -5.85
CA ALA A 198 -29.09 4.12 -6.45
C ALA A 198 -28.70 5.31 -5.59
N SER A 199 -29.09 5.32 -4.29
CA SER A 199 -28.78 6.45 -3.43
C SER A 199 -27.29 6.55 -3.17
N GLU A 200 -26.64 5.42 -2.95
CA GLU A 200 -25.20 5.43 -2.70
C GLU A 200 -24.43 5.91 -3.91
N THR A 201 -24.81 5.45 -5.11
CA THR A 201 -24.07 5.85 -6.29
C THR A 201 -24.25 7.34 -6.55
N ALA A 202 -25.39 7.92 -6.22
CA ALA A 202 -25.58 9.37 -6.33
C ALA A 202 -24.62 10.12 -5.41
N LEU A 203 -24.61 9.78 -4.11
CA LEU A 203 -23.72 10.46 -3.15
C LEU A 203 -22.27 10.29 -3.53
N LEU A 204 -21.88 9.08 -3.85
CA LEU A 204 -20.48 8.76 -4.10
C LEU A 204 -20.03 9.37 -5.40
N THR A 205 -20.89 9.40 -6.45
CA THR A 205 -20.52 10.03 -7.73
C THR A 205 -20.36 11.52 -7.57
N ARG A 206 -21.23 12.18 -6.79
CA ARG A 206 -21.09 13.62 -6.63
C ARG A 206 -19.79 13.95 -5.93
N ALA A 207 -19.45 13.20 -4.88
CA ALA A 207 -18.21 13.42 -4.16
C ALA A 207 -17.02 13.04 -5.02
N GLN A 208 -17.11 11.95 -5.80
CA GLN A 208 -16.05 11.59 -6.76
C GLN A 208 -15.78 12.71 -7.73
N ASP A 209 -16.84 13.30 -8.29
CA ASP A 209 -16.66 14.33 -9.30
C ASP A 209 -16.04 15.60 -8.71
N LEU A 210 -16.38 15.94 -7.47
CA LEU A 210 -15.72 17.04 -6.76
C LEU A 210 -14.26 16.71 -6.53
N LEU A 211 -13.95 15.49 -6.10
CA LEU A 211 -12.57 15.05 -5.97
C LEU A 211 -11.81 15.20 -7.26
N HIS A 212 -12.41 14.79 -8.40
CA HIS A 212 -11.77 14.90 -9.70
C HIS A 212 -11.40 16.36 -9.98
N ARG A 213 -12.34 17.27 -9.75
CA ARG A 213 -12.07 18.69 -9.98
C ARG A 213 -10.97 19.20 -9.06
N LYS A 214 -10.92 18.75 -7.84
CA LYS A 214 -9.88 19.18 -6.91
C LYS A 214 -8.53 18.65 -7.33
N LEU A 215 -8.47 17.40 -7.81
CA LEU A 215 -7.23 16.85 -8.32
C LEU A 215 -6.76 17.54 -9.58
N GLU A 216 -7.67 17.95 -10.46
CA GLU A 216 -7.27 18.69 -11.65
C GLU A 216 -6.66 20.02 -11.27
N GLU A 217 -7.23 20.71 -10.29
CA GLU A 217 -6.71 21.99 -9.86
C GLU A 217 -5.35 21.84 -9.15
N TYR A 218 -5.24 20.82 -8.28
CA TYR A 218 -4.00 20.52 -7.57
C TYR A 218 -2.88 20.19 -8.53
N GLY A 219 -3.21 19.49 -9.61
CA GLY A 219 -2.30 19.14 -10.64
C GLY A 219 -1.40 17.98 -10.29
N SER A 220 -0.45 17.73 -11.14
CA SER A 220 0.49 16.64 -10.98
C SER A 220 1.90 17.10 -11.22
N GLY A 221 2.23 18.30 -10.72
CA GLY A 221 3.57 18.82 -10.85
C GLY A 221 4.55 18.05 -9.99
N PRO A 222 5.84 18.29 -10.18
CA PRO A 222 6.85 17.46 -9.52
C PRO A 222 6.90 17.59 -8.01
N ASP A 223 6.33 18.68 -7.44
CA ASP A 223 6.20 18.80 -6.00
C ASP A 223 5.07 17.97 -5.41
N ARG A 224 4.16 17.49 -6.24
CA ARG A 224 2.94 16.87 -5.80
C ARG A 224 2.77 15.42 -6.27
N TYR A 225 3.54 14.96 -7.25
CA TYR A 225 3.29 13.67 -7.88
C TYR A 225 4.63 13.05 -8.24
N GLY A 226 4.79 11.76 -7.99
CA GLY A 226 6.04 11.06 -8.28
C GLY A 226 5.97 9.63 -7.77
N LEU A 227 7.12 9.03 -7.57
CA LEU A 227 7.22 7.63 -7.15
C LEU A 227 6.86 7.49 -5.65
N ILE A 228 5.87 6.65 -5.36
CA ILE A 228 5.32 6.39 -4.02
C ILE A 228 5.19 4.89 -3.75
N HIS A 229 5.21 4.56 -2.46
CA HIS A 229 4.96 3.19 -2.00
C HIS A 229 3.51 2.74 -2.28
N ALA A 230 2.55 3.63 -1.97
CA ALA A 230 1.13 3.47 -2.31
C ALA A 230 0.42 2.40 -1.51
N ASP A 231 1.01 1.86 -0.44
CA ASP A 231 0.30 0.96 0.49
C ASP A 231 0.85 1.11 1.90
N LEU A 232 0.97 2.34 2.36
CA LEU A 232 1.58 2.66 3.66
C LEU A 232 0.57 2.65 4.80
N ARG A 233 -0.08 1.51 4.87
CA ARG A 233 -0.90 1.13 6.02
CA ARG A 233 -0.90 1.24 6.03
C ARG A 233 -0.03 0.80 7.22
N LEU A 234 -0.56 0.99 8.44
CA LEU A 234 0.21 0.66 9.63
C LEU A 234 0.72 -0.78 9.60
N ALA A 235 -0.10 -1.71 9.07
CA ALA A 235 0.27 -3.12 9.04
C ALA A 235 1.50 -3.40 8.20
N ASN A 236 1.89 -2.49 7.30
CA ASN A 236 3.06 -2.67 6.45
C ASN A 236 4.33 -2.06 7.03
N LEU A 237 4.33 -1.62 8.30
CA LEU A 237 5.53 -1.17 8.98
C LEU A 237 5.73 -2.10 10.16
N LEU A 238 6.58 -3.08 9.94
CA LEU A 238 6.86 -4.11 10.92
C LEU A 238 7.87 -3.63 11.96
N VAL A 239 7.70 -4.05 13.21
CA VAL A 239 8.56 -3.56 14.29
C VAL A 239 9.17 -4.70 15.07
N ASP A 240 10.35 -4.45 15.62
CA ASP A 240 11.00 -5.39 16.53
C ASP A 240 10.73 -5.08 18.01
N SER A 241 9.89 -4.09 18.31
CA SER A 241 9.50 -3.79 19.68
C SER A 241 8.11 -3.16 19.65
N SER A 242 7.36 -3.34 20.75
CA SER A 242 6.08 -2.67 20.90
C SER A 242 6.23 -1.27 21.49
N THR A 243 7.41 -0.93 22.03
CA THR A 243 7.67 0.35 22.67
C THR A 243 8.56 1.22 21.78
N PRO A 244 8.27 2.51 21.63
CA PRO A 244 8.96 3.33 20.62
C PRO A 244 10.47 3.37 20.80
N GLN A 245 11.12 3.96 19.79
CA GLN A 245 12.53 3.77 19.50
C GLN A 245 12.84 2.28 19.31
N ARG A 246 12.70 1.85 18.05
CA ARG A 246 12.74 0.45 17.67
C ARG A 246 13.03 0.41 16.18
N THR A 247 13.34 -0.79 15.67
CA THR A 247 13.61 -0.94 14.25
C THR A 247 12.29 -1.14 13.51
N ILE A 248 11.98 -0.22 12.61
CA ILE A 248 10.74 -0.24 11.84
C ILE A 248 11.09 -0.51 10.39
N THR A 249 10.61 -1.63 9.86
CA THR A 249 10.88 -1.99 8.46
C THR A 249 9.64 -1.79 7.62
N VAL A 250 9.75 -1.01 6.55
CA VAL A 250 8.66 -0.85 5.61
C VAL A 250 8.67 -2.03 4.66
N ILE A 251 7.55 -2.74 4.57
CA ILE A 251 7.46 -3.92 3.72
C ILE A 251 6.42 -3.66 2.62
N ASP A 252 6.30 -4.62 1.70
CA ASP A 252 5.20 -4.68 0.73
C ASP A 252 5.14 -3.43 -0.13
N PHE A 253 6.24 -3.25 -0.89
CA PHE A 253 6.34 -2.23 -1.94
C PHE A 253 5.65 -2.67 -3.24
N ASP A 254 4.84 -3.74 -3.22
CA ASP A 254 4.38 -4.30 -4.47
C ASP A 254 3.36 -3.41 -5.21
N ASP A 255 2.75 -2.44 -4.57
CA ASP A 255 1.88 -1.46 -5.24
C ASP A 255 2.62 -0.19 -5.61
N CYS A 256 3.93 -0.14 -5.44
CA CYS A 256 4.60 1.15 -5.64
C CYS A 256 4.53 1.57 -7.10
N GLY A 257 4.52 2.89 -7.31
CA GLY A 257 4.43 3.43 -8.66
C GLY A 257 4.17 4.91 -8.59
N PHE A 258 3.74 5.48 -9.71
CA PHE A 258 3.63 6.93 -9.79
C PHE A 258 2.27 7.34 -9.31
N GLY A 259 2.21 8.36 -8.48
CA GLY A 259 0.94 8.82 -7.94
C GLY A 259 1.15 10.11 -7.16
N TRP A 260 0.06 10.63 -6.58
CA TRP A 260 0.23 11.81 -5.72
C TRP A 260 0.94 11.46 -4.43
N TYR A 261 1.94 12.26 -4.05
CA TYR A 261 2.63 11.98 -2.79
C TYR A 261 1.66 11.80 -1.63
N PHE A 262 0.69 12.72 -1.48
CA PHE A 262 -0.20 12.65 -0.34
C PHE A 262 -1.29 11.61 -0.44
N TYR A 263 -1.41 10.91 -1.58
CA TYR A 263 -2.22 9.70 -1.56
C TYR A 263 -1.68 8.71 -0.54
N ASP A 264 -0.37 8.73 -0.24
CA ASP A 264 0.14 7.84 0.80
C ASP A 264 -0.56 8.07 2.15
N PHE A 265 -1.02 9.30 2.44
CA PHE A 265 -1.79 9.50 3.66
C PHE A 265 -3.14 8.77 3.62
N GLY A 266 -3.84 8.81 2.49
CA GLY A 266 -5.04 8.01 2.39
C GLY A 266 -4.77 6.55 2.67
N THR A 267 -3.64 6.03 2.20
CA THR A 267 -3.36 4.63 2.46
C THR A 267 -3.12 4.36 3.96
N ALA A 268 -2.58 5.34 4.71
CA ALA A 268 -2.36 5.20 6.14
C ALA A 268 -3.63 4.84 6.90
N VAL A 269 -4.80 5.29 6.42
CA VAL A 269 -6.05 5.05 7.09
C VAL A 269 -6.91 4.05 6.32
N SER A 270 -6.27 3.15 5.59
CA SER A 270 -6.98 2.12 4.82
C SER A 270 -7.93 1.36 5.71
N PHE A 271 -9.19 1.28 5.27
CA PHE A 271 -10.27 0.51 5.92
C PHE A 271 -10.84 1.13 7.20
N ILE A 272 -10.22 2.19 7.69
CA ILE A 272 -10.55 2.84 8.95
C ILE A 272 -10.85 4.33 8.73
N GLU A 273 -11.14 4.70 7.48
CA GLU A 273 -11.34 6.10 7.10
C GLU A 273 -12.52 6.72 7.82
N HIS A 274 -13.52 5.93 8.20
CA HIS A 274 -14.75 6.38 8.83
C HIS A 274 -14.64 6.50 10.35
N ASP A 275 -13.49 6.21 10.92
CA ASP A 275 -13.38 6.26 12.35
C ASP A 275 -13.45 7.72 12.83
N PRO A 276 -14.14 8.00 13.95
CA PRO A 276 -14.23 9.39 14.44
C PRO A 276 -12.90 9.99 14.88
N ARG A 277 -11.89 9.17 15.08
CA ARG A 277 -10.57 9.66 15.47
C ARG A 277 -9.75 10.15 14.27
N LEU A 278 -10.26 10.09 13.02
CA LEU A 278 -9.49 10.48 11.85
C LEU A 278 -8.76 11.82 12.03
N GLY A 279 -9.41 12.83 12.57
CA GLY A 279 -8.77 14.13 12.71
C GLY A 279 -7.55 14.10 13.62
N GLU A 280 -7.62 13.34 14.70
CA GLU A 280 -6.47 13.18 15.59
CA GLU A 280 -6.47 13.18 15.59
C GLU A 280 -5.35 12.42 14.89
N TRP A 281 -5.69 11.34 14.18
CA TRP A 281 -4.71 10.57 13.45
C TRP A 281 -4.02 11.43 12.41
N GLN A 282 -4.79 12.24 11.70
CA GLN A 282 -4.21 13.14 10.72
C GLN A 282 -3.22 14.10 11.39
N GLU A 283 -3.60 14.72 12.49
CA GLU A 283 -2.69 15.67 13.13
C GLU A 283 -1.41 14.97 13.58
N SER A 284 -1.49 13.75 14.07
CA SER A 284 -0.29 13.03 14.49
C SER A 284 0.58 12.73 13.29
N TRP A 285 -0.03 12.20 12.22
CA TRP A 285 0.73 11.88 11.00
C TRP A 285 1.41 13.11 10.44
N VAL A 286 0.68 14.22 10.36
CA VAL A 286 1.25 15.47 9.85
C VAL A 286 2.42 15.96 10.70
N ALA A 287 2.31 15.89 12.03
CA ALA A 287 3.42 16.28 12.90
C ALA A 287 4.66 15.45 12.63
N GLY A 288 4.47 14.14 12.41
CA GLY A 288 5.61 13.28 12.09
C GLY A 288 6.20 13.59 10.72
N TYR A 289 5.33 13.78 9.73
CA TYR A 289 5.77 14.11 8.37
C TYR A 289 6.59 15.38 8.37
N ARG A 290 6.06 16.44 9.01
CA ARG A 290 6.73 17.74 8.96
C ARG A 290 8.05 17.73 9.70
N SER A 291 8.32 16.76 10.56
CA SER A 291 9.61 16.63 11.23
C SER A 291 10.72 16.31 10.23
N ARG A 292 10.38 15.78 9.06
CA ARG A 292 11.35 15.39 8.04
C ARG A 292 11.21 16.13 6.72
N ARG A 293 10.03 16.57 6.34
CA ARG A 293 9.78 17.20 5.04
C ARG A 293 8.61 18.17 5.17
N GLU A 294 8.70 19.28 4.49
CA GLU A 294 7.60 20.24 4.51
CA GLU A 294 7.60 20.24 4.50
C GLU A 294 6.28 19.63 4.03
N LEU A 295 5.17 20.06 4.66
CA LEU A 295 3.82 19.73 4.25
C LEU A 295 3.06 21.05 4.19
N PRO A 296 3.06 21.72 3.04
CA PRO A 296 2.38 22.98 2.90
C PRO A 296 0.87 22.94 3.08
N ALA A 297 0.31 24.11 3.35
CA ALA A 297 -1.13 24.23 3.58
C ALA A 297 -1.94 23.66 2.44
N ALA A 298 -1.52 23.88 1.20
CA ALA A 298 -2.35 23.42 0.09
C ALA A 298 -2.36 21.90 0.01
N ASP A 299 -1.27 21.26 0.39
CA ASP A 299 -1.23 19.81 0.49
C ASP A 299 -2.03 19.31 1.67
N GLU A 300 -1.91 19.96 2.83
CA GLU A 300 -2.72 19.58 3.98
C GLU A 300 -4.20 19.67 3.66
N ALA A 301 -4.60 20.64 2.89
CA ALA A 301 -5.98 20.83 2.47
C ALA A 301 -6.45 19.76 1.50
N MET A 302 -5.56 18.96 0.93
CA MET A 302 -5.93 17.85 0.07
C MET A 302 -5.95 16.53 0.80
N LEU A 303 -5.56 16.47 2.06
CA LEU A 303 -5.56 15.19 2.77
C LEU A 303 -6.95 14.53 2.81
N PRO A 304 -8.02 15.26 3.05
CA PRO A 304 -9.34 14.60 3.00
C PRO A 304 -9.65 14.04 1.63
N SER A 305 -9.27 14.76 0.56
CA SER A 305 -9.45 14.24 -0.79
C SER A 305 -8.73 12.92 -0.97
N PHE A 306 -7.50 12.79 -0.47
CA PHE A 306 -6.77 11.55 -0.62
C PHE A 306 -7.33 10.41 0.20
N VAL A 307 -7.86 10.72 1.40
CA VAL A 307 -8.59 9.71 2.15
C VAL A 307 -9.77 9.21 1.34
N PHE A 308 -10.54 10.11 0.75
CA PHE A 308 -11.71 9.74 -0.02
C PHE A 308 -11.35 8.95 -1.29
N LEU A 309 -10.25 9.31 -1.93
CA LEU A 309 -9.74 8.52 -3.07
C LEU A 309 -9.45 7.09 -2.63
N ARG A 310 -8.72 6.94 -1.50
CA ARG A 310 -8.43 5.58 -1.00
C ARG A 310 -9.73 4.82 -0.67
N ARG A 311 -10.69 5.51 -0.05
CA ARG A 311 -11.96 4.88 0.28
C ARG A 311 -12.64 4.29 -0.94
N LEU A 312 -12.73 5.05 -2.04
CA LEU A 312 -13.38 4.55 -3.25
C LEU A 312 -12.61 3.39 -3.82
N LEU A 313 -11.27 3.51 -3.85
CA LEU A 313 -10.46 2.41 -4.32
C LEU A 313 -10.69 1.13 -3.55
N LEU A 314 -10.72 1.23 -2.22
CA LEU A 314 -10.93 0.04 -1.39
C LEU A 314 -12.34 -0.50 -1.49
N LEU A 315 -13.32 0.36 -1.76
CA LEU A 315 -14.67 -0.13 -2.04
C LEU A 315 -14.70 -0.92 -3.35
N ALA A 316 -13.97 -0.42 -4.37
CA ALA A 316 -13.82 -1.18 -5.60
C ALA A 316 -13.15 -2.52 -5.34
N TRP A 317 -12.03 -2.48 -4.60
CA TRP A 317 -11.33 -3.73 -4.29
C TRP A 317 -12.25 -4.71 -3.57
N MET A 318 -12.98 -4.23 -2.55
CA MET A 318 -13.93 -5.07 -1.86
C MET A 318 -14.95 -5.67 -2.80
N GLY A 319 -15.55 -4.86 -3.69
CA GLY A 319 -16.52 -5.38 -4.66
C GLY A 319 -15.93 -6.44 -5.57
N SER A 320 -14.68 -6.23 -6.01
CA SER A 320 -14.02 -7.21 -6.86
C SER A 320 -13.80 -8.54 -6.16
N HIS A 321 -13.80 -8.56 -4.83
CA HIS A 321 -13.59 -9.79 -4.07
C HIS A 321 -14.81 -10.20 -3.25
N THR A 322 -15.99 -9.67 -3.60
CA THR A 322 -17.23 -10.03 -2.94
C THR A 322 -18.08 -10.80 -3.94
N HIS A 323 -18.60 -11.96 -3.51
CA HIS A 323 -19.54 -12.70 -4.34
C HIS A 323 -20.37 -13.67 -3.50
N SER A 324 -20.66 -13.32 -2.25
CA SER A 324 -21.42 -14.19 -1.36
C SER A 324 -22.27 -13.33 -0.42
N ARG A 325 -23.21 -13.98 0.27
CA ARG A 325 -24.02 -13.30 1.28
C ARG A 325 -23.17 -12.71 2.40
N GLU A 326 -22.18 -13.47 2.87
CA GLU A 326 -21.31 -12.99 3.96
C GLU A 326 -20.44 -11.82 3.51
N SER A 327 -19.80 -11.95 2.36
CA SER A 327 -19.02 -10.83 1.89
C SER A 327 -19.92 -9.64 1.66
N ALA A 328 -21.16 -9.88 1.21
CA ALA A 328 -22.00 -8.74 0.84
C ALA A 328 -22.29 -7.86 2.05
N THR A 329 -22.53 -8.45 3.22
CA THR A 329 -22.83 -7.64 4.40
CA THR A 329 -22.83 -7.63 4.39
C THR A 329 -21.66 -6.70 4.72
N LYS A 330 -20.44 -7.19 4.56
CA LYS A 330 -19.29 -6.34 4.83
C LYS A 330 -19.17 -5.20 3.82
N ALA A 331 -19.42 -5.50 2.53
CA ALA A 331 -19.38 -4.48 1.49
C ALA A 331 -20.49 -3.46 1.72
N ILE A 332 -21.69 -3.93 2.09
CA ILE A 332 -22.80 -3.04 2.39
C ILE A 332 -22.42 -2.05 3.47
N SER A 333 -21.80 -2.54 4.55
CA SER A 333 -21.37 -1.68 5.65
CA SER A 333 -21.42 -1.62 5.62
C SER A 333 -20.30 -0.69 5.19
N TYR A 334 -19.32 -1.17 4.43
CA TYR A 334 -18.26 -0.27 3.97
C TYR A 334 -18.82 0.77 3.03
N ALA A 335 -19.72 0.37 2.16
CA ALA A 335 -20.38 1.33 1.28
C ALA A 335 -21.12 2.39 2.07
N ALA A 336 -21.83 2.00 3.13
CA ALA A 336 -22.55 2.97 3.96
C ALA A 336 -21.61 3.97 4.62
N GLY A 337 -20.48 3.49 5.13
CA GLY A 337 -19.52 4.42 5.72
C GLY A 337 -18.89 5.31 4.66
N SER A 338 -18.76 4.82 3.42
CA SER A 338 -18.23 5.64 2.34
C SER A 338 -19.20 6.79 2.04
N CYS A 339 -20.51 6.51 2.10
CA CYS A 339 -21.51 7.54 1.88
C CYS A 339 -21.50 8.59 2.97
N ALA A 340 -21.33 8.20 4.23
CA ALA A 340 -21.20 9.16 5.31
C ALA A 340 -20.02 10.08 5.07
N LEU A 341 -18.87 9.52 4.67
CA LEU A 341 -17.72 10.34 4.33
C LEU A 341 -18.02 11.25 3.15
N ALA A 342 -18.68 10.74 2.12
CA ALA A 342 -19.02 11.53 0.94
C ALA A 342 -19.87 12.74 1.31
N GLU A 343 -20.86 12.56 2.22
CA GLU A 343 -21.68 13.68 2.61
C GLU A 343 -20.87 14.76 3.32
N ARG A 344 -19.95 14.34 4.18
CA ARG A 344 -19.09 15.30 4.86
C ARG A 344 -18.18 16.02 3.87
N TYR A 345 -17.65 15.28 2.88
CA TYR A 345 -16.79 15.86 1.84
C TYR A 345 -17.55 16.90 1.05
N LEU A 346 -18.78 16.57 0.65
CA LEU A 346 -19.58 17.50 -0.15
C LEU A 346 -19.97 18.74 0.62
N SER A 347 -20.36 18.56 1.90
CA SER A 347 -20.82 19.71 2.69
C SER A 347 -19.71 20.66 3.07
N SER A 348 -18.45 20.24 2.96
CA SER A 348 -17.32 21.10 3.27
C SER A 348 -16.56 21.51 2.00
N ASP A 349 -17.15 21.32 0.82
CA ASP A 349 -16.49 21.65 -0.43
CA ASP A 349 -16.49 21.65 -0.43
C ASP A 349 -15.15 20.93 -0.56
N GLY A 350 -15.10 19.73 -0.06
CA GLY A 350 -13.93 18.88 -0.15
C GLY A 350 -12.88 19.09 0.89
N LEU A 351 -13.11 19.95 1.88
CA LEU A 351 -12.07 20.29 2.83
C LEU A 351 -12.06 19.46 4.11
N ARG A 352 -13.13 18.75 4.45
CA ARG A 352 -13.19 17.99 5.69
C ARG A 352 -14.00 16.71 5.56
N LEU A 353 -13.54 15.63 6.20
CA LEU A 353 -14.34 14.44 6.32
C LEU A 353 -14.97 14.22 7.69
N THR A 354 -14.58 14.97 8.69
CA THR A 354 -15.17 14.86 10.00
C THR A 354 -16.01 16.10 10.21
#